data_3TKC
#
_entry.id   3TKC
#
_cell.length_a   45.018
_cell.length_b   51.622
_cell.length_c   132.818
_cell.angle_alpha   90.00
_cell.angle_beta   90.00
_cell.angle_gamma   90.00
#
_symmetry.space_group_name_H-M   'P 21 21 21'
#
loop_
_entity.id
_entity.type
_entity.pdbx_description
1 polymer 'Vitamin D3 receptor'
2 non-polymer (1S,3R,5Z,7E,14beta,17alpha,20S)-20-[5-(1-hydroxy-1-methylethyl)furan-2-yl]-9,10-secopregna-5,7,10-triene-1,3-diol
3 non-polymer 'SULFATE ION'
4 water water
#
_entity_poly.entity_id   1
_entity_poly.type   'polypeptide(L)'
_entity_poly.pdbx_seq_one_letter_code
;DSLRPKLSEEQQRIIAILLDAHHKTYDPTYSDFCQFRPPVRVNDGGGSVTLELSQLSMLPHLADLVSYSIQKVIGFAKMI
PGFRDLTSEDQIVLLKSSAIEVIMLRSNESFTMDDMSWTCGNQDYKYRVSDVTKAGHSLELIEPLIKFQVGLKKLNLHEE
EHVLLMAICIVSPDRPGVQDAALIEAIQDRLSNTLQTYIRCRHPPPGSHLLYAKMIQKLADLRSLNEEHSKQYRCLSFQP
ECSMKLTPLVLEVFGNEIS
;
_entity_poly.pdbx_strand_id   A
#
loop_
_chem_comp.id
_chem_comp.type
_chem_comp.name
_chem_comp.formula
FMV non-polymer (1S,3R,5Z,7E,14beta,17alpha,20S)-20-[5-(1-hydroxy-1-methylethyl)furan-2-yl]-9,10-secopregna-5,7,10-triene-1,3-diol 'C28 H40 O4'
SO4 non-polymer 'SULFATE ION' 'O4 S -2'
#
# COMPACT_ATOMS: atom_id res chain seq x y z
N SER A 2 23.40 -24.45 7.43
CA SER A 2 22.49 -23.32 7.30
C SER A 2 21.37 -23.40 8.34
N LEU A 3 21.57 -22.73 9.46
CA LEU A 3 20.72 -22.87 10.63
C LEU A 3 19.29 -22.35 10.43
N ARG A 4 18.35 -23.03 11.09
CA ARG A 4 16.95 -22.63 11.08
C ARG A 4 16.43 -22.48 12.50
N PRO A 5 16.84 -21.41 13.18
CA PRO A 5 16.34 -21.18 14.54
C PRO A 5 14.81 -21.13 14.52
N LYS A 6 14.20 -21.68 15.56
CA LYS A 6 12.75 -21.67 15.68
C LYS A 6 12.25 -20.28 16.01
N LEU A 7 11.00 -19.97 15.63
CA LEU A 7 10.37 -18.73 16.03
C LEU A 7 10.25 -18.67 17.53
N SER A 8 10.67 -17.55 18.12
CA SER A 8 10.53 -17.37 19.56
C SER A 8 9.06 -17.18 19.92
N GLU A 9 8.75 -17.35 21.20
CA GLU A 9 7.41 -17.07 21.69
C GLU A 9 6.98 -15.67 21.29
N GLU A 10 7.89 -14.71 21.46
CA GLU A 10 7.61 -13.31 21.13
C GLU A 10 7.36 -13.14 19.63
N GLN A 11 8.18 -13.79 18.81
CA GLN A 11 8.00 -13.70 17.36
C GLN A 11 6.65 -14.28 16.93
N GLN A 12 6.26 -15.39 17.55
CA GLN A 12 4.95 -15.97 17.27
C GLN A 12 3.83 -14.99 17.64
N ARG A 13 3.97 -14.33 18.79
CA ARG A 13 2.98 -13.35 19.22
C ARG A 13 2.91 -12.17 18.26
N ILE A 14 4.06 -11.70 17.79
CA ILE A 14 4.08 -10.60 16.82
C ILE A 14 3.30 -10.97 15.55
N ILE A 15 3.52 -12.18 15.04
CA ILE A 15 2.82 -12.63 13.84
C ILE A 15 1.32 -12.70 14.10
N ALA A 16 0.92 -13.27 15.23
CA ALA A 16 -0.50 -13.35 15.57
C ALA A 16 -1.16 -11.96 15.65
N ILE A 17 -0.44 -11.00 16.22
CA ILE A 17 -0.95 -9.64 16.40
C ILE A 17 -1.16 -8.98 15.03
N LEU A 18 -0.18 -9.13 14.15
CA LEU A 18 -0.25 -8.52 12.82
C LEU A 18 -1.33 -9.16 11.97
N LEU A 19 -1.51 -10.48 12.08
CA LEU A 19 -2.59 -11.14 11.35
C LEU A 19 -3.94 -10.64 11.82
N ASP A 20 -4.13 -10.55 13.14
CA ASP A 20 -5.36 -10.00 13.72
C ASP A 20 -5.60 -8.56 13.27
N ALA A 21 -4.55 -7.76 13.33
CA ALA A 21 -4.64 -6.35 12.93
C ALA A 21 -5.12 -6.23 11.48
N HIS A 22 -4.52 -7.01 10.59
CA HIS A 22 -4.93 -7.01 9.21
C HIS A 22 -6.38 -7.49 9.03
N HIS A 23 -6.76 -8.57 9.71
CA HIS A 23 -8.12 -9.09 9.57
C HIS A 23 -9.18 -8.07 10.04
N LYS A 24 -8.79 -7.23 10.99
CA LYS A 24 -9.68 -6.21 11.52
C LYS A 24 -9.77 -4.96 10.64
N THR A 25 -8.78 -4.78 9.76
CA THR A 25 -8.67 -3.54 8.99
C THR A 25 -8.69 -3.70 7.46
N TYR A 26 -8.79 -4.95 7.00
CA TYR A 26 -8.93 -5.24 5.57
C TYR A 26 -10.13 -6.16 5.36
N ASP A 27 -11.24 -5.61 4.88
CA ASP A 27 -12.46 -6.36 4.61
C ASP A 27 -12.33 -7.00 3.22
N PRO A 28 -12.19 -8.32 3.16
CA PRO A 28 -11.95 -8.99 1.87
C PRO A 28 -13.22 -9.09 1.01
N THR A 29 -14.34 -8.58 1.51
CA THR A 29 -15.58 -8.53 0.73
C THR A 29 -15.84 -7.14 0.15
N TYR A 30 -15.07 -6.15 0.60
CA TYR A 30 -15.18 -4.79 0.04
C TYR A 30 -16.59 -4.21 0.21
N SER A 31 -17.25 -4.61 1.30
CA SER A 31 -18.66 -4.31 1.52
C SER A 31 -18.98 -2.84 1.83
N ASP A 32 -17.96 -2.06 2.15
CA ASP A 32 -18.13 -0.62 2.42
C ASP A 32 -18.08 0.22 1.14
N PHE A 33 -17.63 -0.37 0.03
CA PHE A 33 -17.30 0.41 -1.17
C PHE A 33 -18.52 1.13 -1.78
N CYS A 34 -19.72 0.58 -1.57
CA CYS A 34 -20.93 1.22 -2.06
C CYS A 34 -21.22 2.55 -1.36
N GLN A 35 -20.52 2.81 -0.26
CA GLN A 35 -20.68 4.05 0.50
C GLN A 35 -19.86 5.20 -0.08
N PHE A 36 -18.86 4.88 -0.92
CA PHE A 36 -18.05 5.92 -1.56
C PHE A 36 -18.84 6.66 -2.63
N ARG A 37 -18.40 7.85 -3.01
CA ARG A 37 -18.99 8.50 -4.18
C ARG A 37 -18.89 7.53 -5.35
N PRO A 38 -19.91 7.51 -6.23
CA PRO A 38 -20.00 6.45 -7.23
C PRO A 38 -18.92 6.56 -8.31
N PRO A 39 -18.46 5.41 -8.81
CA PRO A 39 -17.55 5.39 -9.96
C PRO A 39 -18.29 5.92 -11.18
N VAL A 40 -17.61 6.73 -12.00
CA VAL A 40 -18.17 7.16 -13.28
C VAL A 40 -17.10 6.95 -14.33
N ARG A 41 -17.48 6.37 -15.47
CA ARG A 41 -16.52 6.07 -16.52
C ARG A 41 -16.90 6.74 -17.84
N VAL A 42 -16.28 7.87 -18.14
CA VAL A 42 -16.53 8.56 -19.39
C VAL A 42 -15.94 7.79 -20.58
N ASN A 43 -16.43 8.08 -21.77
CA ASN A 43 -15.89 7.46 -22.98
C ASN A 43 -14.53 8.04 -23.32
N ASP A 44 -13.47 7.27 -23.12
CA ASP A 44 -12.12 7.75 -23.34
C ASP A 44 -11.21 6.67 -23.94
N GLY A 45 -11.70 6.00 -24.97
CA GLY A 45 -10.93 4.93 -25.60
C GLY A 45 -9.58 5.40 -26.12
N GLY A 46 -9.49 6.69 -26.46
CA GLY A 46 -8.26 7.25 -26.99
C GLY A 46 -7.24 7.67 -25.94
N GLY A 47 -7.64 7.60 -24.67
CA GLY A 47 -6.74 7.97 -23.59
C GLY A 47 -6.31 9.42 -23.69
N SER A 48 -7.29 10.31 -23.82
CA SER A 48 -7.03 11.74 -23.97
C SER A 48 -6.75 12.38 -22.62
N VAL A 49 -5.56 12.95 -22.46
CA VAL A 49 -5.23 13.63 -21.20
C VAL A 49 -6.14 14.82 -20.96
N THR A 50 -6.44 15.57 -22.02
CA THR A 50 -7.31 16.75 -21.95
C THR A 50 -8.69 16.35 -21.42
N LEU A 51 -9.28 15.31 -22.00
CA LEU A 51 -10.57 14.83 -21.52
C LEU A 51 -10.48 14.29 -20.10
N GLU A 52 -9.43 13.51 -19.82
CA GLU A 52 -9.28 12.92 -18.50
C GLU A 52 -9.24 14.00 -17.41
N LEU A 53 -8.47 15.06 -17.66
CA LEU A 53 -8.36 16.16 -16.70
C LEU A 53 -9.64 17.02 -16.66
N SER A 54 -10.31 17.18 -17.78
CA SER A 54 -11.55 17.94 -17.82
CA SER A 54 -11.54 17.95 -17.81
C SER A 54 -12.62 17.28 -16.94
N GLN A 55 -12.69 15.95 -16.99
CA GLN A 55 -13.75 15.24 -16.28
C GLN A 55 -13.35 14.65 -14.93
N LEU A 56 -12.14 14.11 -14.84
CA LEU A 56 -11.69 13.36 -13.66
C LEU A 56 -12.81 12.47 -13.12
N SER A 57 -13.44 11.71 -14.02
CA SER A 57 -14.67 10.99 -13.72
C SER A 57 -14.54 9.94 -12.62
N MET A 58 -13.38 9.29 -12.53
CA MET A 58 -13.15 8.23 -11.54
C MET A 58 -12.50 8.75 -10.26
N LEU A 59 -12.17 10.04 -10.22
CA LEU A 59 -11.42 10.56 -9.08
C LEU A 59 -12.20 10.59 -7.76
N PRO A 60 -13.47 11.07 -7.77
CA PRO A 60 -14.16 11.05 -6.47
C PRO A 60 -14.22 9.64 -5.85
N HIS A 61 -14.56 8.65 -6.66
CA HIS A 61 -14.63 7.28 -6.15
C HIS A 61 -13.26 6.75 -5.69
N LEU A 62 -12.23 6.92 -6.52
CA LEU A 62 -10.91 6.39 -6.15
C LEU A 62 -10.27 7.19 -4.99
N ALA A 63 -10.55 8.49 -4.91
CA ALA A 63 -10.07 9.29 -3.78
C ALA A 63 -10.74 8.80 -2.49
N ASP A 64 -12.04 8.50 -2.55
CA ASP A 64 -12.75 7.97 -1.40
C ASP A 64 -12.19 6.61 -0.98
N LEU A 65 -11.91 5.77 -1.97
CA LEU A 65 -11.29 4.46 -1.72
C LEU A 65 -9.93 4.63 -1.05
N VAL A 66 -9.11 5.53 -1.57
CA VAL A 66 -7.77 5.73 -1.01
C VAL A 66 -7.86 6.34 0.40
N SER A 67 -8.77 7.28 0.57
CA SER A 67 -8.96 7.92 1.88
C SER A 67 -9.36 6.87 2.93
N TYR A 68 -10.36 6.06 2.59
CA TYR A 68 -10.84 4.97 3.44
C TYR A 68 -9.67 4.06 3.79
N SER A 69 -8.86 3.74 2.79
CA SER A 69 -7.71 2.85 2.98
C SER A 69 -6.64 3.46 3.89
N ILE A 70 -6.40 4.76 3.76
CA ILE A 70 -5.47 5.42 4.69
C ILE A 70 -5.98 5.30 6.13
N GLN A 71 -7.28 5.47 6.33
CA GLN A 71 -7.85 5.28 7.67
C GLN A 71 -7.56 3.87 8.17
N LYS A 72 -7.74 2.86 7.31
CA LYS A 72 -7.50 1.48 7.73
C LYS A 72 -6.02 1.24 8.04
N VAL A 73 -5.14 1.81 7.24
CA VAL A 73 -3.71 1.71 7.46
C VAL A 73 -3.29 2.37 8.79
N ILE A 74 -3.89 3.51 9.11
CA ILE A 74 -3.65 4.12 10.42
C ILE A 74 -4.00 3.14 11.54
N GLY A 75 -5.14 2.47 11.42
CA GLY A 75 -5.55 1.50 12.42
C GLY A 75 -4.60 0.32 12.50
N PHE A 76 -4.19 -0.18 11.35
CA PHE A 76 -3.25 -1.29 11.28
C PHE A 76 -1.93 -0.91 11.97
N ALA A 77 -1.41 0.25 11.61
CA ALA A 77 -0.12 0.70 12.16
C ALA A 77 -0.15 0.80 13.68
N LYS A 78 -1.26 1.29 14.24
CA LYS A 78 -1.35 1.44 15.69
C LYS A 78 -1.27 0.10 16.43
N MET A 79 -1.53 -0.99 15.72
CA MET A 79 -1.46 -2.34 16.29
CA MET A 79 -1.45 -2.33 16.31
C MET A 79 -0.09 -3.02 16.11
N ILE A 80 0.79 -2.40 15.33
CA ILE A 80 2.13 -2.97 15.13
C ILE A 80 2.88 -2.93 16.47
N PRO A 81 3.33 -4.09 16.96
CA PRO A 81 4.08 -4.09 18.23
C PRO A 81 5.23 -3.08 18.21
N GLY A 82 5.21 -2.14 19.15
CA GLY A 82 6.27 -1.15 19.25
C GLY A 82 5.93 0.21 18.66
N PHE A 83 4.98 0.25 17.72
CA PHE A 83 4.65 1.51 17.04
C PHE A 83 4.21 2.58 18.05
N ARG A 84 3.42 2.17 19.05
CA ARG A 84 2.95 3.14 20.04
C ARG A 84 4.03 3.53 21.06
N ASP A 85 5.20 2.90 20.98
CA ASP A 85 6.36 3.34 21.77
C ASP A 85 6.98 4.62 21.21
N LEU A 86 6.73 4.89 19.93
CA LEU A 86 7.21 6.10 19.26
C LEU A 86 6.44 7.34 19.70
N THR A 87 7.09 8.50 19.60
CA THR A 87 6.40 9.75 19.86
C THR A 87 5.29 9.95 18.84
N SER A 88 4.30 10.75 19.19
CA SER A 88 3.22 11.04 18.27
C SER A 88 3.76 11.64 16.98
N GLU A 89 4.77 12.50 17.09
CA GLU A 89 5.36 13.17 15.94
C GLU A 89 5.94 12.15 14.95
N ASP A 90 6.73 11.21 15.45
CA ASP A 90 7.30 10.18 14.59
C ASP A 90 6.23 9.26 13.99
N GLN A 91 5.22 8.91 14.79
CA GLN A 91 4.12 8.10 14.29
C GLN A 91 3.48 8.74 13.05
N ILE A 92 3.22 10.03 13.13
CA ILE A 92 2.61 10.73 12.01
C ILE A 92 3.52 10.87 10.80
N VAL A 93 4.81 11.14 11.03
CA VAL A 93 5.77 11.18 9.93
C VAL A 93 5.79 9.84 9.19
N LEU A 94 5.85 8.74 9.93
CA LEU A 94 5.87 7.41 9.32
C LEU A 94 4.59 7.10 8.54
N LEU A 95 3.45 7.48 9.10
CA LEU A 95 2.17 7.21 8.45
C LEU A 95 2.02 7.99 7.14
N LYS A 96 2.34 9.27 7.19
CA LYS A 96 2.17 10.10 6.00
C LYS A 96 3.13 9.69 4.89
N SER A 97 4.37 9.33 5.26
CA SER A 97 5.35 8.96 4.25
C SER A 97 5.14 7.57 3.65
N SER A 98 4.52 6.65 4.39
CA SER A 98 4.34 5.28 3.90
C SER A 98 2.95 5.00 3.32
N ALA A 99 1.98 5.88 3.59
CA ALA A 99 0.58 5.60 3.24
C ALA A 99 0.38 5.06 1.82
N ILE A 100 0.91 5.76 0.83
CA ILE A 100 0.72 5.34 -0.57
C ILE A 100 1.36 3.96 -0.83
N GLU A 101 2.48 3.70 -0.19
CA GLU A 101 3.18 2.42 -0.38
C GLU A 101 2.40 1.26 0.25
N VAL A 102 1.85 1.48 1.44
CA VAL A 102 1.07 0.45 2.11
C VAL A 102 -0.23 0.20 1.34
N ILE A 103 -0.79 1.26 0.76
CA ILE A 103 -1.98 1.11 -0.10
CA ILE A 103 -1.98 1.10 -0.08
C ILE A 103 -1.64 0.23 -1.30
N MET A 104 -0.52 0.52 -1.94
CA MET A 104 -0.09 -0.29 -3.08
C MET A 104 0.13 -1.75 -2.67
N LEU A 105 0.80 -1.98 -1.53
CA LEU A 105 1.00 -3.35 -1.03
C LEU A 105 -0.32 -4.05 -0.72
N ARG A 106 -1.18 -3.41 0.07
CA ARG A 106 -2.40 -4.07 0.53
C ARG A 106 -3.37 -4.33 -0.62
N SER A 107 -3.31 -3.50 -1.66
CA SER A 107 -4.17 -3.68 -2.84
C SER A 107 -3.85 -4.97 -3.59
N ASN A 108 -2.69 -5.55 -3.32
CA ASN A 108 -2.32 -6.78 -4.01
C ASN A 108 -3.35 -7.87 -3.74
N GLU A 109 -4.07 -7.76 -2.63
CA GLU A 109 -5.05 -8.77 -2.25
C GLU A 109 -6.29 -8.77 -3.15
N SER A 110 -6.64 -7.61 -3.71
CA SER A 110 -7.74 -7.52 -4.69
C SER A 110 -7.24 -7.64 -6.12
N PHE A 111 -5.95 -7.39 -6.34
CA PHE A 111 -5.40 -7.53 -7.69
C PHE A 111 -5.54 -8.97 -8.15
N THR A 112 -5.85 -9.16 -9.42
CA THR A 112 -5.91 -10.51 -9.98
C THR A 112 -5.23 -10.60 -11.34
N MET A 113 -4.41 -11.62 -11.52
CA MET A 113 -3.79 -11.84 -12.81
C MET A 113 -4.75 -12.46 -13.82
N ASP A 114 -5.97 -12.78 -13.37
CA ASP A 114 -6.99 -13.28 -14.29
C ASP A 114 -7.16 -12.29 -15.46
N ASP A 115 -7.25 -11.00 -15.13
CA ASP A 115 -7.40 -9.98 -16.16
C ASP A 115 -6.64 -8.68 -15.83
N MET A 116 -5.70 -8.77 -14.89
CA MET A 116 -4.83 -7.64 -14.54
C MET A 116 -5.63 -6.44 -14.03
N SER A 117 -6.60 -6.71 -13.18
CA SER A 117 -7.42 -5.66 -12.59
C SER A 117 -7.39 -5.80 -11.07
N TRP A 118 -7.78 -4.74 -10.36
CA TRP A 118 -8.08 -4.88 -8.95
C TRP A 118 -9.58 -5.16 -8.87
N THR A 119 -9.94 -6.39 -8.54
CA THR A 119 -11.34 -6.79 -8.58
C THR A 119 -11.96 -6.81 -7.18
N CYS A 120 -12.85 -5.85 -6.94
CA CYS A 120 -13.44 -5.65 -5.63
C CYS A 120 -14.95 -5.85 -5.65
N GLY A 121 -15.42 -6.69 -6.56
CA GLY A 121 -16.85 -6.99 -6.65
C GLY A 121 -17.33 -7.03 -8.08
N ASN A 122 -18.58 -6.63 -8.28
CA ASN A 122 -19.15 -6.56 -9.61
C ASN A 122 -18.36 -5.62 -10.49
N GLN A 123 -18.75 -5.52 -11.75
CA GLN A 123 -18.11 -4.62 -12.70
C GLN A 123 -17.89 -3.21 -12.13
N ASP A 124 -18.84 -2.73 -11.33
CA ASP A 124 -18.75 -1.36 -10.81
C ASP A 124 -17.45 -1.14 -10.05
N TYR A 125 -17.05 -2.13 -9.26
CA TYR A 125 -15.87 -2.01 -8.42
C TYR A 125 -14.69 -2.86 -8.92
N LYS A 126 -14.62 -3.05 -10.24
CA LYS A 126 -13.44 -3.60 -10.87
C LYS A 126 -12.64 -2.44 -11.46
N TYR A 127 -11.41 -2.28 -10.97
CA TYR A 127 -10.60 -1.14 -11.37
C TYR A 127 -9.48 -1.58 -12.31
N ARG A 128 -9.48 -1.02 -13.52
CA ARG A 128 -8.48 -1.34 -14.54
C ARG A 128 -7.56 -0.15 -14.78
N VAL A 129 -6.51 -0.35 -15.56
CA VAL A 129 -5.60 0.74 -15.87
CA VAL A 129 -5.60 0.72 -15.94
C VAL A 129 -6.36 1.94 -16.45
N SER A 130 -7.38 1.67 -17.27
CA SER A 130 -8.17 2.75 -17.88
C SER A 130 -8.96 3.55 -16.85
N ASP A 131 -9.26 2.94 -15.72
CA ASP A 131 -9.92 3.68 -14.64
C ASP A 131 -8.94 4.62 -13.93
N VAL A 132 -7.68 4.20 -13.87
CA VAL A 132 -6.68 5.02 -13.19
C VAL A 132 -6.34 6.25 -14.04
N THR A 133 -6.33 6.08 -15.35
CA THR A 133 -6.13 7.22 -16.23
C THR A 133 -7.33 8.18 -16.14
N LYS A 134 -8.52 7.63 -15.88
CA LYS A 134 -9.72 8.46 -15.69
C LYS A 134 -9.73 9.22 -14.36
N ALA A 135 -8.77 8.91 -13.48
CA ALA A 135 -8.60 9.67 -12.25
C ALA A 135 -7.47 10.67 -12.35
N GLY A 136 -6.89 10.79 -13.55
CA GLY A 136 -5.89 11.81 -13.78
C GLY A 136 -4.43 11.40 -13.70
N HIS A 137 -4.18 10.10 -13.52
CA HIS A 137 -2.81 9.58 -13.53
C HIS A 137 -2.38 9.10 -14.91
N SER A 138 -1.07 8.95 -15.10
CA SER A 138 -0.55 8.58 -16.41
C SER A 138 0.25 7.28 -16.38
N LEU A 139 0.65 6.82 -17.57
CA LEU A 139 1.29 5.53 -17.71
C LEU A 139 2.63 5.40 -17.00
N GLU A 140 3.36 6.50 -16.85
CA GLU A 140 4.64 6.47 -16.14
C GLU A 140 4.49 5.96 -14.70
N LEU A 141 3.28 6.07 -14.14
CA LEU A 141 3.00 5.46 -12.85
C LEU A 141 2.28 4.12 -13.00
N ILE A 142 1.27 4.08 -13.85
CA ILE A 142 0.41 2.89 -13.93
C ILE A 142 1.13 1.65 -14.42
N GLU A 143 2.00 1.80 -15.41
CA GLU A 143 2.67 0.64 -15.96
C GLU A 143 3.61 -0.02 -14.96
N PRO A 144 4.50 0.77 -14.32
CA PRO A 144 5.31 0.14 -13.27
C PRO A 144 4.47 -0.34 -12.07
N LEU A 145 3.33 0.29 -11.81
CA LEU A 145 2.46 -0.18 -10.73
C LEU A 145 1.93 -1.58 -11.05
N ILE A 146 1.49 -1.78 -12.29
CA ILE A 146 1.01 -3.11 -12.69
C ILE A 146 2.14 -4.14 -12.65
N LYS A 147 3.31 -3.74 -13.12
CA LYS A 147 4.46 -4.65 -13.06
C LYS A 147 4.75 -5.03 -11.61
N PHE A 148 4.65 -4.06 -10.70
CA PHE A 148 4.85 -4.30 -9.28
C PHE A 148 3.83 -5.30 -8.75
N GLN A 149 2.56 -5.13 -9.12
CA GLN A 149 1.51 -6.02 -8.63
C GLN A 149 1.74 -7.46 -9.06
N VAL A 150 2.11 -7.65 -10.32
CA VAL A 150 2.38 -8.99 -10.85
C VAL A 150 3.60 -9.61 -10.16
N GLY A 151 4.66 -8.84 -9.99
CA GLY A 151 5.85 -9.35 -9.33
C GLY A 151 5.57 -9.79 -7.91
N LEU A 152 4.78 -9.00 -7.20
CA LEU A 152 4.41 -9.31 -5.83
C LEU A 152 3.52 -10.56 -5.80
N LYS A 153 2.57 -10.64 -6.73
CA LYS A 153 1.72 -11.81 -6.84
C LYS A 153 2.54 -13.07 -6.96
N LYS A 154 3.56 -13.01 -7.82
CA LYS A 154 4.35 -14.19 -8.16
C LYS A 154 5.25 -14.65 -7.03
N LEU A 155 5.40 -13.83 -6.00
CA LEU A 155 6.15 -14.24 -4.81
C LEU A 155 5.32 -15.24 -3.99
N ASN A 156 4.01 -15.25 -4.21
CA ASN A 156 3.13 -16.18 -3.51
C ASN A 156 3.32 -16.09 -1.99
N LEU A 157 3.29 -14.89 -1.45
CA LEU A 157 3.51 -14.68 -0.02
C LEU A 157 2.46 -15.37 0.84
N HIS A 158 2.89 -15.99 1.94
CA HIS A 158 1.97 -16.38 3.01
C HIS A 158 1.39 -15.09 3.59
N GLU A 159 0.19 -15.16 4.17
CA GLU A 159 -0.38 -13.96 4.76
C GLU A 159 0.55 -13.40 5.85
N GLU A 160 1.20 -14.30 6.60
CA GLU A 160 2.18 -13.90 7.60
C GLU A 160 3.26 -12.98 7.02
N GLU A 161 3.76 -13.33 5.85
CA GLU A 161 4.81 -12.55 5.19
C GLU A 161 4.28 -11.22 4.66
N HIS A 162 3.06 -11.25 4.14
CA HIS A 162 2.37 -10.07 3.63
C HIS A 162 2.18 -9.00 4.70
N VAL A 163 1.69 -9.42 5.87
CA VAL A 163 1.46 -8.46 6.96
C VAL A 163 2.78 -7.95 7.56
N LEU A 164 3.79 -8.82 7.63
CA LEU A 164 5.09 -8.39 8.08
C LEU A 164 5.69 -7.35 7.13
N LEU A 165 5.52 -7.56 5.83
CA LEU A 165 6.07 -6.63 4.84
C LEU A 165 5.41 -5.26 4.97
N MET A 166 4.10 -5.24 5.19
CA MET A 166 3.40 -3.97 5.39
C MET A 166 3.91 -3.27 6.65
N ALA A 167 4.12 -4.03 7.73
CA ALA A 167 4.63 -3.45 8.98
C ALA A 167 6.04 -2.89 8.82
N ILE A 168 6.90 -3.65 8.14
CA ILE A 168 8.28 -3.23 7.91
C ILE A 168 8.29 -1.95 7.06
N CYS A 169 7.39 -1.89 6.09
CA CYS A 169 7.29 -0.71 5.22
C CYS A 169 6.96 0.55 6.03
N ILE A 170 6.01 0.42 6.95
CA ILE A 170 5.58 1.55 7.78
C ILE A 170 6.67 2.00 8.76
N VAL A 171 7.28 1.04 9.45
CA VAL A 171 8.30 1.39 10.45
C VAL A 171 9.69 1.48 9.82
N SER A 172 9.88 2.49 8.98
CA SER A 172 11.15 2.67 8.27
CA SER A 172 11.16 2.67 8.29
C SER A 172 11.92 3.87 8.84
N PRO A 173 13.16 3.64 9.30
CA PRO A 173 13.93 4.71 9.94
C PRO A 173 14.45 5.77 8.97
N ASP A 174 14.44 5.48 7.67
CA ASP A 174 15.06 6.42 6.72
C ASP A 174 14.09 7.40 6.05
N ARG A 175 12.92 7.60 6.63
CA ARG A 175 11.96 8.57 6.11
C ARG A 175 12.38 9.97 6.52
N PRO A 176 12.18 10.95 5.63
CA PRO A 176 12.54 12.33 5.98
C PRO A 176 11.73 12.83 7.17
N GLY A 177 12.37 13.54 8.09
CA GLY A 177 11.68 14.17 9.19
C GLY A 177 11.61 13.37 10.49
N VAL A 178 12.01 12.10 10.45
CA VAL A 178 11.98 11.29 11.66
C VAL A 178 12.94 11.82 12.72
N GLN A 179 12.55 11.72 13.98
CA GLN A 179 13.36 12.21 15.08
C GLN A 179 14.18 11.07 15.69
N ASP A 180 13.50 10.04 16.18
CA ASP A 180 14.20 8.94 16.84
C ASP A 180 14.42 7.78 15.87
N ALA A 181 15.34 7.99 14.93
CA ALA A 181 15.64 6.96 13.94
C ALA A 181 16.10 5.65 14.58
N ALA A 182 16.83 5.75 15.69
CA ALA A 182 17.35 4.54 16.35
C ALA A 182 16.22 3.66 16.90
N LEU A 183 15.23 4.28 17.53
CA LEU A 183 14.09 3.53 18.05
C LEU A 183 13.29 2.92 16.92
N ILE A 184 13.05 3.69 15.86
CA ILE A 184 12.32 3.17 14.70
C ILE A 184 13.06 1.95 14.11
N GLU A 185 14.38 2.07 14.00
CA GLU A 185 15.20 0.97 13.48
C GLU A 185 15.12 -0.26 14.38
N ALA A 186 15.07 -0.05 15.69
CA ALA A 186 14.96 -1.17 16.64
C ALA A 186 13.64 -1.92 16.44
N ILE A 187 12.56 -1.16 16.27
CA ILE A 187 11.25 -1.75 16.03
C ILE A 187 11.25 -2.49 14.68
N GLN A 188 11.80 -1.86 13.66
CA GLN A 188 11.84 -2.50 12.35
C GLN A 188 12.66 -3.78 12.37
N ASP A 189 13.82 -3.73 13.04
CA ASP A 189 14.70 -4.90 13.13
C ASP A 189 13.99 -6.09 13.75
N ARG A 190 13.21 -5.83 14.79
CA ARG A 190 12.43 -6.86 15.46
C ARG A 190 11.46 -7.51 14.47
N LEU A 191 10.84 -6.69 13.62
CA LEU A 191 9.94 -7.20 12.58
C LEU A 191 10.70 -7.93 11.47
N SER A 192 11.81 -7.36 11.02
CA SER A 192 12.64 -7.98 9.98
CA SER A 192 12.63 -7.98 9.99
C SER A 192 13.15 -9.34 10.43
N ASN A 193 13.62 -9.42 11.66
CA ASN A 193 14.11 -10.69 12.19
C ASN A 193 12.99 -11.72 12.25
N THR A 194 11.80 -11.28 12.63
CA THR A 194 10.64 -12.17 12.63
C THR A 194 10.40 -12.72 11.22
N LEU A 195 10.44 -11.84 10.21
CA LEU A 195 10.21 -12.26 8.84
C LEU A 195 11.27 -13.22 8.32
N GLN A 196 12.55 -12.89 8.54
CA GLN A 196 13.63 -13.77 8.08
C GLN A 196 13.52 -15.15 8.72
N THR A 197 13.22 -15.18 10.00
CA THR A 197 13.09 -16.44 10.74
C THR A 197 11.88 -17.23 10.24
N TYR A 198 10.74 -16.56 10.10
CA TYR A 198 9.55 -17.20 9.55
C TYR A 198 9.83 -17.86 8.20
N ILE A 199 10.41 -17.12 7.27
CA ILE A 199 10.69 -17.67 5.94
C ILE A 199 11.53 -18.94 6.02
N ARG A 200 12.55 -18.93 6.86
CA ARG A 200 13.46 -20.06 6.94
C ARG A 200 12.84 -21.31 7.56
N CYS A 201 11.91 -21.15 8.49
CA CYS A 201 11.37 -22.36 9.09
CA CYS A 201 11.27 -22.26 9.22
C CYS A 201 9.96 -22.74 8.62
N ARG A 202 9.24 -21.81 7.99
CA ARG A 202 7.86 -22.08 7.61
C ARG A 202 7.52 -21.97 6.12
N HIS A 203 8.46 -21.48 5.31
CA HIS A 203 8.18 -21.34 3.89
C HIS A 203 8.89 -22.43 3.11
N PRO A 204 8.13 -23.35 2.48
CA PRO A 204 8.75 -24.50 1.80
C PRO A 204 9.44 -24.09 0.51
N PRO A 205 10.42 -24.89 0.06
CA PRO A 205 11.10 -24.66 -1.22
C PRO A 205 10.15 -24.98 -2.36
N PRO A 206 10.39 -24.46 -3.57
CA PRO A 206 11.48 -23.56 -3.96
C PRO A 206 11.10 -22.09 -3.83
N GLY A 207 9.86 -21.81 -3.47
CA GLY A 207 9.38 -20.45 -3.36
C GLY A 207 10.08 -19.65 -2.28
N SER A 208 10.73 -20.36 -1.35
CA SER A 208 11.44 -19.71 -0.25
C SER A 208 12.80 -19.17 -0.70
N HIS A 209 13.27 -19.61 -1.86
CA HIS A 209 14.63 -19.28 -2.30
C HIS A 209 14.85 -17.77 -2.47
N LEU A 210 15.79 -17.23 -1.69
CA LEU A 210 16.11 -15.80 -1.76
C LEU A 210 14.86 -14.93 -1.57
N LEU A 211 13.85 -15.48 -0.90
CA LEU A 211 12.59 -14.77 -0.76
C LEU A 211 12.72 -13.47 0.04
N TYR A 212 13.49 -13.49 1.11
CA TYR A 212 13.65 -12.27 1.91
C TYR A 212 14.25 -11.15 1.05
N ALA A 213 15.28 -11.48 0.29
CA ALA A 213 15.90 -10.48 -0.60
C ALA A 213 14.90 -9.94 -1.61
N LYS A 214 14.08 -10.82 -2.18
CA LYS A 214 13.06 -10.40 -3.13
C LYS A 214 12.06 -9.44 -2.48
N MET A 215 11.70 -9.71 -1.22
CA MET A 215 10.75 -8.85 -0.49
C MET A 215 11.35 -7.48 -0.20
N ILE A 216 12.62 -7.46 0.21
CA ILE A 216 13.31 -6.20 0.43
C ILE A 216 13.41 -5.39 -0.87
N GLN A 217 13.62 -6.05 -2.00
CA GLN A 217 13.62 -5.35 -3.30
C GLN A 217 12.28 -4.69 -3.59
N LYS A 218 11.18 -5.35 -3.24
CA LYS A 218 9.85 -4.75 -3.42
C LYS A 218 9.69 -3.47 -2.60
N LEU A 219 10.31 -3.42 -1.42
CA LEU A 219 10.27 -2.19 -0.62
C LEU A 219 10.99 -1.05 -1.35
N ALA A 220 12.08 -1.38 -2.04
CA ALA A 220 12.80 -0.38 -2.83
C ALA A 220 11.97 0.06 -4.03
N ASP A 221 11.30 -0.88 -4.68
CA ASP A 221 10.39 -0.58 -5.79
C ASP A 221 9.31 0.41 -5.33
N LEU A 222 8.80 0.20 -4.13
CA LEU A 222 7.74 1.07 -3.60
C LEU A 222 8.19 2.52 -3.44
N ARG A 223 9.46 2.73 -3.10
CA ARG A 223 10.00 4.08 -2.97
C ARG A 223 9.90 4.79 -4.30
N SER A 224 10.23 4.08 -5.37
CA SER A 224 10.18 4.64 -6.72
CA SER A 224 10.17 4.65 -6.71
C SER A 224 8.74 5.01 -7.10
N LEU A 225 7.80 4.10 -6.85
CA LEU A 225 6.40 4.37 -7.13
C LEU A 225 5.86 5.54 -6.29
N ASN A 226 6.34 5.65 -5.05
CA ASN A 226 5.94 6.73 -4.16
C ASN A 226 6.34 8.07 -4.80
N GLU A 227 7.58 8.15 -5.22
CA GLU A 227 8.09 9.39 -5.83
C GLU A 227 7.31 9.75 -7.09
N GLU A 228 7.04 8.77 -7.94
CA GLU A 228 6.27 9.03 -9.16
C GLU A 228 4.84 9.44 -8.84
N HIS A 229 4.22 8.76 -7.89
CA HIS A 229 2.87 9.17 -7.51
C HIS A 229 2.83 10.62 -7.04
N SER A 230 3.83 11.03 -6.25
CA SER A 230 3.87 12.39 -5.71
CA SER A 230 3.86 12.39 -5.72
C SER A 230 3.95 13.42 -6.84
N LYS A 231 4.79 13.15 -7.84
CA LYS A 231 4.90 14.06 -8.98
C LYS A 231 3.56 14.19 -9.67
N GLN A 232 2.89 13.07 -9.88
CA GLN A 232 1.62 13.06 -10.60
C GLN A 232 0.49 13.68 -9.79
N TYR A 233 0.52 13.48 -8.48
CA TYR A 233 -0.47 14.11 -7.62
C TYR A 233 -0.32 15.64 -7.69
N ARG A 234 0.92 16.11 -7.74
CA ARG A 234 1.16 17.55 -7.89
C ARG A 234 0.45 18.12 -9.12
N CYS A 235 0.61 17.46 -10.27
CA CYS A 235 -0.03 17.87 -11.51
C CYS A 235 -1.54 17.88 -11.38
N LEU A 236 -2.07 16.78 -10.84
CA LEU A 236 -3.49 16.62 -10.64
C LEU A 236 -4.03 17.80 -9.83
N SER A 237 -3.29 18.20 -8.81
CA SER A 237 -3.72 19.27 -7.91
CA SER A 237 -3.74 19.26 -7.93
C SER A 237 -3.85 20.63 -8.60
N PHE A 238 -3.18 20.78 -9.75
CA PHE A 238 -3.25 22.04 -10.51
C PHE A 238 -4.61 22.18 -11.23
N GLN A 239 -5.36 21.09 -11.33
CA GLN A 239 -6.64 21.16 -12.04
C GLN A 239 -7.67 21.93 -11.21
N PRO A 240 -8.23 23.02 -11.77
CA PRO A 240 -9.24 23.75 -10.99
C PRO A 240 -10.36 22.83 -10.49
N GLU A 241 -10.75 23.03 -9.23
CA GLU A 241 -11.83 22.27 -8.59
C GLU A 241 -11.41 20.86 -8.19
N CYS A 242 -10.14 20.53 -8.32
CA CYS A 242 -9.68 19.19 -7.95
C CYS A 242 -9.94 18.86 -6.47
N SER A 243 -9.80 19.87 -5.60
CA SER A 243 -9.84 19.60 -4.16
C SER A 243 -11.18 19.02 -3.73
N MET A 244 -12.25 19.45 -4.39
CA MET A 244 -13.59 18.95 -4.09
C MET A 244 -13.73 17.48 -4.46
N LYS A 245 -12.90 17.02 -5.40
CA LYS A 245 -12.95 15.62 -5.80
C LYS A 245 -12.08 14.73 -4.91
N LEU A 246 -11.32 15.34 -4.01
CA LEU A 246 -10.47 14.58 -3.11
C LEU A 246 -11.15 14.49 -1.75
N THR A 247 -10.37 14.34 -0.67
CA THR A 247 -10.89 14.39 0.71
C THR A 247 -9.90 15.13 1.58
N PRO A 248 -10.34 15.65 2.74
CA PRO A 248 -9.38 16.33 3.61
C PRO A 248 -8.17 15.48 3.98
N LEU A 249 -8.37 14.20 4.25
CA LEU A 249 -7.26 13.31 4.61
C LEU A 249 -6.29 13.13 3.44
N VAL A 250 -6.83 12.90 2.25
CA VAL A 250 -6.00 12.77 1.05
C VAL A 250 -5.22 14.05 0.77
N LEU A 251 -5.88 15.20 0.90
CA LEU A 251 -5.21 16.49 0.72
C LEU A 251 -4.05 16.67 1.70
N GLU A 252 -4.24 16.26 2.95
CA GLU A 252 -3.17 16.44 3.93
C GLU A 252 -1.99 15.52 3.64
N VAL A 253 -2.27 14.25 3.39
CA VAL A 253 -1.23 13.27 3.20
C VAL A 253 -0.36 13.58 1.97
N PHE A 254 -0.98 13.98 0.87
CA PHE A 254 -0.24 14.15 -0.38
C PHE A 254 0.05 15.61 -0.74
N GLY A 255 -0.59 16.55 -0.04
CA GLY A 255 -0.41 17.97 -0.36
C GLY A 255 0.74 18.61 0.39
C1 FMV B . -6.96 -1.31 -1.01
O1 FMV B . -6.71 -0.51 0.16
C2 FMV B . -8.26 -2.10 -0.85
C3 FMV B . -8.58 -2.93 -2.10
O3 FMV B . -7.51 -3.84 -2.35
C4 FMV B . -8.75 -2.00 -3.32
C5 FMV B . -7.59 -1.04 -3.47
C6 FMV B . -7.12 -0.75 -4.71
C7 FMV B . -5.99 0.13 -5.01
C8 FMV B . -5.80 0.66 -6.24
C9 FMV B . -6.75 0.40 -7.40
C10 FMV B . -7.06 -0.45 -2.25
C11 FMV B . -7.15 1.71 -8.10
C12 FMV B . -5.99 2.66 -8.44
C13 FMV B . -5.15 2.85 -7.19
C14 FMV B . -4.66 1.52 -6.64
C15 FMV B . -3.62 1.87 -5.58
C15 FMV B . -3.70 1.99 -5.54
C16 FMV B . -2.90 3.07 -6.20
C16 FMV B . -3.11 3.32 -6.06
C17 FMV B . -3.77 3.48 -7.41
C17 FMV B . -3.84 3.62 -7.37
C18 FMV B . -5.95 3.55 -6.09
C19 FMV B . -6.72 0.83 -2.21
C20 FMV B . -3.76 4.95 -7.80
C20 FMV B . -3.83 5.07 -7.93
C21 FMV B . -2.51 5.25 -8.60
C21 FMV B . -2.39 5.56 -8.02
C22 FMV B . -3.85 5.96 -6.73
C22 FMV B . -4.63 6.19 -7.34
O22 FMV B . -4.40 7.13 -7.08
O22 FMV B . -4.01 7.24 -6.71
C23 FMV B . -3.38 5.88 -5.41
C23 FMV B . -6.00 6.37 -7.51
C24 FMV B . -3.68 7.13 -4.87
C24 FMV B . -6.30 7.57 -6.87
C25 FMV B . -4.28 7.81 -5.92
C25 FMV B . -5.07 8.04 -6.40
C26 FMV B . -4.81 9.21 -5.91
C26 FMV B . -4.88 9.34 -5.66
O26 FMV B . -3.77 10.06 -6.43
O26 FMV B . -3.65 9.94 -6.08
C27 FMV B . -6.00 9.20 -6.87
C27 FMV B . -6.03 10.29 -5.96
C28 FMV B . -5.16 9.65 -4.50
C28 FMV B . -4.82 9.05 -4.16
S SO4 C . -4.73 -14.16 -8.52
O1 SO4 C . -4.37 -15.57 -8.61
O2 SO4 C . -6.12 -13.97 -8.95
O3 SO4 C . -4.61 -13.72 -7.12
O4 SO4 C . -3.82 -13.38 -9.36
S SO4 D . -9.08 23.78 -6.11
O1 SO4 D . -10.31 22.99 -6.06
O2 SO4 D . -8.83 24.28 -7.47
O3 SO4 D . -9.23 24.93 -5.22
O4 SO4 D . -7.97 22.94 -5.68
#